data_6Z8C
#
_entry.id   6Z8C
#
_cell.length_a   109.221
_cell.length_b   109.221
_cell.length_c   211.161
_cell.angle_alpha   90.000
_cell.angle_beta   90.000
_cell.angle_gamma   90.000
#
_symmetry.space_group_name_H-M   'I 4 2 2'
#
loop_
_entity.id
_entity.type
_entity.pdbx_description
1 polymer 'Ion transport protein'
2 non-polymer 'SODIUM ION'
3 non-polymer HEGA-10
4 non-polymer 'DODECAETHYLENE GLYCOL'
5 non-polymer 2-[4-[(~{Z})-1,2-diphenylbut-1-enyl]phenoxy]-~{N}-methyl-ethanamine
6 water water
#
_entity_poly.entity_id   1
_entity_poly.type   'polypeptide(L)'
_entity_poly.pdbx_seq_one_letter_code
;GSHMSRKIRDLIESKRFQNVITAIIVLNGAVLGLLTDTTLSASSQNLLERVDQLCLTIFIVEISLKIYAYGVRGFFRSGW
NLFDFVIVAIALMPAQGSLSVLRTFRIFRVMRLVSVIPTMRRVVQGMLLALPGVGSVAALLTVVFYIAAVMATNLYGATF
PEWFGDLSKSLYTLFQVMTLESWSMGIVRPVMNVHPNAWVFFIPFIMLTTLTVLNLFIGIIVDAMAITKEQEEEAKTGHH
QEPISQTLLHLGDRLDRIEKQLAQNNELLQRQQPQKK
;
_entity_poly.pdbx_strand_id   A
#
# COMPACT_ATOMS: atom_id res chain seq x y z
N SER A 2 28.03 1.52 24.95
CA SER A 2 29.39 1.11 24.58
C SER A 2 29.87 1.80 23.28
N HIS A 3 31.18 1.74 23.00
CA HIS A 3 31.74 2.33 21.79
C HIS A 3 31.45 1.49 20.55
N MET A 4 31.24 0.17 20.73
CA MET A 4 30.94 -0.74 19.64
C MET A 4 29.56 -0.41 19.08
N SER A 5 28.57 -0.17 19.96
CA SER A 5 27.22 0.18 19.51
C SER A 5 27.10 1.60 18.93
N ARG A 6 28.06 2.49 19.22
CA ARG A 6 28.07 3.87 18.71
C ARG A 6 28.66 3.93 17.29
N LYS A 7 29.71 3.13 17.05
CA LYS A 7 30.36 3.05 15.75
C LYS A 7 29.49 2.25 14.77
N ILE A 8 28.87 1.19 15.29
CA ILE A 8 27.96 0.35 14.47
C ILE A 8 26.88 1.27 13.92
N ARG A 9 26.18 1.96 14.82
CA ARG A 9 25.05 2.82 14.45
C ARG A 9 25.37 3.77 13.30
N ASP A 10 26.52 4.47 13.33
CA ASP A 10 26.86 5.40 12.24
C ASP A 10 27.43 4.73 11.00
N LEU A 11 27.78 3.44 11.08
CA LEU A 11 28.17 2.67 9.88
C LEU A 11 26.81 2.43 9.16
N ILE A 12 25.83 1.89 9.89
CA ILE A 12 24.46 1.60 9.49
C ILE A 12 23.77 2.87 8.94
N GLU A 13 24.06 4.03 9.52
CA GLU A 13 23.48 5.30 9.06
C GLU A 13 24.21 5.94 7.88
N SER A 14 25.21 5.26 7.30
CA SER A 14 25.94 5.82 6.17
C SER A 14 25.25 5.59 4.83
N LYS A 15 25.56 6.44 3.83
CA LYS A 15 25.00 6.37 2.48
C LYS A 15 25.59 5.19 1.71
N ARG A 16 26.89 4.90 1.91
CA ARG A 16 27.51 3.75 1.24
C ARG A 16 27.06 2.42 1.86
N PHE A 17 26.64 2.41 3.15
CA PHE A 17 26.11 1.19 3.74
C PHE A 17 24.74 0.93 3.10
N GLN A 18 23.91 1.99 2.97
CA GLN A 18 22.61 1.91 2.33
C GLN A 18 22.78 1.43 0.87
N ASN A 19 23.78 1.98 0.16
CA ASN A 19 24.10 1.62 -1.22
C ASN A 19 24.60 0.19 -1.37
N VAL A 20 25.26 -0.35 -0.32
CA VAL A 20 25.72 -1.72 -0.36
C VAL A 20 24.49 -2.59 -0.24
N ILE A 21 23.65 -2.36 0.77
CA ILE A 21 22.41 -3.12 0.93
C ILE A 21 21.50 -3.04 -0.32
N THR A 22 21.38 -1.86 -0.95
CA THR A 22 20.59 -1.68 -2.17
C THR A 22 21.10 -2.55 -3.31
N ALA A 23 22.43 -2.59 -3.53
CA ALA A 23 22.99 -3.43 -4.58
C ALA A 23 22.85 -4.91 -4.26
N ILE A 24 22.74 -5.30 -2.98
CA ILE A 24 22.52 -6.68 -2.57
C ILE A 24 21.07 -7.07 -2.85
N ILE A 25 20.11 -6.14 -2.63
CA ILE A 25 18.69 -6.39 -2.95
C ILE A 25 18.53 -6.54 -4.47
N VAL A 26 19.12 -5.63 -5.24
CA VAL A 26 19.12 -5.65 -6.69
C VAL A 26 19.77 -6.95 -7.25
N LEU A 27 20.82 -7.44 -6.58
CA LEU A 27 21.49 -8.66 -6.98
C LEU A 27 20.58 -9.87 -6.71
N ASN A 28 19.97 -9.95 -5.51
CA ASN A 28 19.07 -11.07 -5.18
C ASN A 28 17.83 -11.08 -6.09
N GLY A 29 17.33 -9.89 -6.42
CA GLY A 29 16.21 -9.72 -7.33
C GLY A 29 16.55 -10.28 -8.70
N ALA A 30 17.71 -9.86 -9.25
CA ALA A 30 18.16 -10.35 -10.55
C ALA A 30 18.35 -11.86 -10.57
N VAL A 31 18.99 -12.45 -9.53
CA VAL A 31 19.19 -13.90 -9.53
C VAL A 31 17.85 -14.69 -9.42
N LEU A 32 16.86 -14.16 -8.68
CA LEU A 32 15.55 -14.79 -8.59
C LEU A 32 14.79 -14.73 -9.93
N GLY A 33 15.04 -13.68 -10.71
CA GLY A 33 14.45 -13.49 -12.03
C GLY A 33 15.05 -14.44 -13.02
N LEU A 34 16.36 -14.68 -12.95
CA LEU A 34 17.02 -15.63 -13.83
C LEU A 34 16.56 -17.05 -13.50
N LEU A 35 16.35 -17.34 -12.20
CA LEU A 35 15.91 -18.65 -11.73
C LEU A 35 14.57 -19.10 -12.30
N THR A 36 13.78 -18.17 -12.88
CA THR A 36 12.51 -18.49 -13.55
C THR A 36 12.74 -19.23 -14.89
N ASP A 37 13.96 -19.11 -15.46
CA ASP A 37 14.39 -19.76 -16.69
C ASP A 37 14.66 -21.24 -16.40
N THR A 38 13.78 -22.14 -16.88
CA THR A 38 13.98 -23.57 -16.66
C THR A 38 14.89 -24.21 -17.74
N THR A 39 15.19 -23.47 -18.83
CA THR A 39 16.10 -23.94 -19.87
C THR A 39 17.59 -23.96 -19.40
N LEU A 40 17.89 -23.36 -18.23
CA LEU A 40 19.23 -23.28 -17.64
C LEU A 40 19.79 -24.66 -17.27
N SER A 41 21.13 -24.77 -17.21
CA SER A 41 21.79 -26.01 -16.83
C SER A 41 21.82 -26.14 -15.31
N ALA A 42 21.85 -27.37 -14.78
CA ALA A 42 21.89 -27.63 -13.34
C ALA A 42 23.06 -26.92 -12.64
N SER A 43 24.16 -26.68 -13.36
CA SER A 43 25.33 -25.97 -12.87
C SER A 43 24.96 -24.52 -12.60
N SER A 44 24.27 -23.87 -13.55
CA SER A 44 23.84 -22.47 -13.44
C SER A 44 22.75 -22.33 -12.38
N GLN A 45 21.87 -23.33 -12.25
CA GLN A 45 20.78 -23.30 -11.27
C GLN A 45 21.29 -23.39 -9.87
N ASN A 46 22.26 -24.25 -9.63
CA ASN A 46 22.84 -24.40 -8.28
C ASN A 46 23.80 -23.25 -7.91
N LEU A 47 24.32 -22.54 -8.93
CA LEU A 47 25.19 -21.38 -8.78
C LEU A 47 24.36 -20.21 -8.26
N LEU A 48 23.19 -19.94 -8.87
CA LEU A 48 22.30 -18.84 -8.50
C LEU A 48 21.66 -19.03 -7.13
N GLU A 49 21.39 -20.29 -6.74
CA GLU A 49 20.83 -20.56 -5.41
C GLU A 49 21.85 -20.22 -4.30
N ARG A 50 23.16 -20.31 -4.61
CA ARG A 50 24.22 -19.96 -3.67
C ARG A 50 24.30 -18.44 -3.56
N VAL A 51 24.14 -17.70 -4.69
CA VAL A 51 24.10 -16.23 -4.72
C VAL A 51 22.89 -15.70 -3.92
N ASP A 52 21.79 -16.48 -3.92
CA ASP A 52 20.57 -16.23 -3.14
C ASP A 52 20.89 -16.36 -1.63
N GLN A 53 21.53 -17.47 -1.23
CA GLN A 53 21.91 -17.72 0.17
C GLN A 53 22.91 -16.68 0.67
N LEU A 54 23.86 -16.27 -0.20
CA LEU A 54 24.85 -15.24 0.09
C LEU A 54 24.13 -13.92 0.40
N CYS A 55 23.13 -13.56 -0.43
CA CYS A 55 22.36 -12.34 -0.27
C CYS A 55 21.58 -12.37 1.02
N LEU A 56 20.95 -13.51 1.31
CA LEU A 56 20.14 -13.73 2.51
C LEU A 56 20.97 -13.62 3.78
N THR A 57 22.20 -14.15 3.77
CA THR A 57 23.09 -14.08 4.95
C THR A 57 23.56 -12.63 5.21
N ILE A 58 23.83 -11.85 4.14
CA ILE A 58 24.19 -10.43 4.27
C ILE A 58 23.04 -9.66 4.94
N PHE A 59 21.77 -10.07 4.73
CA PHE A 59 20.63 -9.44 5.38
C PHE A 59 20.56 -9.85 6.86
N ILE A 60 20.86 -11.13 7.18
CA ILE A 60 20.91 -11.62 8.57
C ILE A 60 21.96 -10.83 9.37
N VAL A 61 23.11 -10.53 8.73
CA VAL A 61 24.21 -9.74 9.30
C VAL A 61 23.73 -8.30 9.52
N GLU A 62 23.19 -7.67 8.49
CA GLU A 62 22.69 -6.30 8.53
C GLU A 62 21.62 -6.10 9.61
N ILE A 63 20.62 -6.99 9.66
CA ILE A 63 19.52 -6.91 10.63
C ILE A 63 20.01 -7.19 12.05
N SER A 64 20.99 -8.09 12.21
CA SER A 64 21.54 -8.38 13.54
C SER A 64 22.36 -7.19 14.04
N LEU A 65 23.12 -6.54 13.13
CA LEU A 65 23.90 -5.36 13.47
C LEU A 65 23.01 -4.21 13.94
N LYS A 66 21.77 -4.12 13.40
CA LYS A 66 20.80 -3.09 13.80
C LYS A 66 20.20 -3.44 15.17
N ILE A 67 19.84 -4.73 15.38
CA ILE A 67 19.27 -5.20 16.65
C ILE A 67 20.23 -4.93 17.79
N TYR A 68 21.54 -5.16 17.58
CA TYR A 68 22.54 -4.88 18.61
C TYR A 68 22.69 -3.38 18.86
N ALA A 69 22.98 -2.58 17.80
CA ALA A 69 23.23 -1.14 17.91
C ALA A 69 22.03 -0.29 18.38
N TYR A 70 20.80 -0.73 18.10
CA TYR A 70 19.61 0.01 18.52
C TYR A 70 18.88 -0.62 19.71
N GLY A 71 19.08 -1.92 19.92
CA GLY A 71 18.39 -2.67 20.96
C GLY A 71 17.15 -3.33 20.41
N VAL A 72 16.54 -4.28 21.16
CA VAL A 72 15.31 -4.93 20.69
C VAL A 72 14.13 -3.96 20.82
N ARG A 73 14.07 -3.23 21.93
CA ARG A 73 13.04 -2.23 22.19
C ARG A 73 13.09 -1.11 21.12
N GLY A 74 14.31 -0.69 20.77
CA GLY A 74 14.54 0.37 19.80
C GLY A 74 14.42 -0.01 18.33
N PHE A 75 14.92 -1.20 17.95
CA PHE A 75 14.84 -1.66 16.57
C PHE A 75 13.39 -1.94 16.21
N PHE A 76 12.69 -2.69 17.07
CA PHE A 76 11.28 -3.02 16.82
C PHE A 76 10.32 -1.83 17.03
N ARG A 77 10.84 -0.63 17.39
CA ARG A 77 10.02 0.57 17.52
C ARG A 77 9.66 1.17 16.12
N SER A 78 10.36 0.74 15.05
CA SER A 78 10.10 1.19 13.69
C SER A 78 9.33 0.11 12.91
N GLY A 79 8.28 0.51 12.20
CA GLY A 79 7.49 -0.38 11.38
C GLY A 79 8.26 -0.89 10.18
N TRP A 80 9.12 -0.03 9.63
CA TRP A 80 9.97 -0.38 8.51
C TRP A 80 11.08 -1.34 8.90
N ASN A 81 11.51 -1.33 10.16
CA ASN A 81 12.53 -2.26 10.64
C ASN A 81 11.91 -3.62 10.93
N LEU A 82 10.66 -3.65 11.43
CA LEU A 82 9.93 -4.89 11.69
C LEU A 82 9.67 -5.61 10.36
N PHE A 83 9.30 -4.87 9.31
CA PHE A 83 9.09 -5.41 7.97
C PHE A 83 10.41 -6.01 7.45
N ASP A 84 11.52 -5.24 7.55
CA ASP A 84 12.88 -5.66 7.17
C ASP A 84 13.31 -6.90 7.94
N PHE A 85 12.85 -7.06 9.18
CA PHE A 85 13.16 -8.20 10.00
C PHE A 85 12.38 -9.43 9.50
N VAL A 86 11.03 -9.34 9.47
CA VAL A 86 10.11 -10.40 9.04
C VAL A 86 10.43 -10.93 7.65
N ILE A 87 10.89 -10.07 6.73
CA ILE A 87 11.28 -10.45 5.36
C ILE A 87 12.40 -11.51 5.43
N VAL A 88 13.40 -11.29 6.30
CA VAL A 88 14.54 -12.18 6.44
C VAL A 88 14.25 -13.34 7.40
N ALA A 89 13.53 -13.04 8.51
CA ALA A 89 13.17 -14.00 9.55
C ALA A 89 12.31 -15.14 9.04
N ILE A 90 11.43 -14.87 8.06
CA ILE A 90 10.57 -15.91 7.51
C ILE A 90 11.33 -16.78 6.47
N ALA A 91 12.48 -16.31 5.96
CA ALA A 91 13.30 -17.10 5.04
C ALA A 91 14.06 -18.24 5.75
N LEU A 92 14.12 -18.22 7.09
CA LEU A 92 14.76 -19.25 7.90
C LEU A 92 13.62 -19.90 8.70
N MET A 93 12.82 -20.75 8.05
CA MET A 93 11.68 -21.40 8.74
C MET A 93 11.38 -22.76 8.10
N PRO A 94 11.24 -23.85 8.90
CA PRO A 94 10.94 -25.18 8.38
C PRO A 94 9.45 -25.53 8.48
N ALA A 95 8.62 -24.93 7.62
CA ALA A 95 7.15 -25.14 7.52
C ALA A 95 6.25 -24.76 8.71
N GLN A 96 6.23 -23.47 9.08
CA GLN A 96 5.40 -22.97 10.19
C GLN A 96 3.92 -23.38 10.14
N GLY A 97 3.24 -23.40 11.30
CA GLY A 97 1.83 -23.78 11.37
C GLY A 97 0.88 -22.72 10.86
N SER A 98 0.74 -22.64 9.53
CA SER A 98 -0.16 -21.66 8.87
C SER A 98 -0.82 -22.31 7.65
N LEU A 99 -1.97 -21.79 7.24
CA LEU A 99 -2.72 -22.34 6.06
C LEU A 99 -2.19 -21.69 4.78
N SER A 100 -0.89 -21.85 4.50
CA SER A 100 -0.28 -21.27 3.27
C SER A 100 0.10 -22.53 2.48
N VAL A 101 0.36 -22.38 1.18
CA VAL A 101 0.73 -23.51 0.32
C VAL A 101 2.25 -23.73 0.42
N LEU A 102 3.05 -22.65 0.23
CA LEU A 102 4.51 -22.62 0.32
C LEU A 102 5.03 -21.17 0.35
N ARG A 103 6.20 -20.98 0.97
CA ARG A 103 6.83 -19.67 1.05
C ARG A 103 7.87 -19.53 -0.05
N THR A 104 7.47 -19.86 -1.29
CA THR A 104 8.32 -19.74 -2.48
C THR A 104 8.32 -18.30 -3.07
N PHE A 105 7.82 -17.32 -2.30
CA PHE A 105 7.80 -15.94 -2.75
C PHE A 105 9.03 -15.23 -2.27
N ARG A 106 10.21 -15.70 -2.72
CA ARG A 106 11.49 -15.10 -2.41
C ARG A 106 11.63 -13.72 -3.05
N ILE A 107 10.95 -13.48 -4.18
CA ILE A 107 10.95 -12.20 -4.87
C ILE A 107 10.29 -11.09 -4.04
N PHE A 108 9.53 -11.44 -2.98
CA PHE A 108 9.00 -10.43 -2.06
C PHE A 108 10.15 -9.74 -1.25
N ARG A 109 11.41 -10.17 -1.45
CA ARG A 109 12.60 -9.58 -0.86
C ARG A 109 12.87 -8.27 -1.58
N VAL A 110 12.58 -8.16 -2.90
CA VAL A 110 12.74 -6.90 -3.64
C VAL A 110 11.91 -5.77 -2.99
N MET A 111 10.85 -6.12 -2.22
CA MET A 111 10.04 -5.18 -1.45
C MET A 111 10.88 -4.36 -0.46
N ARG A 112 12.05 -4.90 -0.04
CA ARG A 112 12.97 -4.20 0.84
C ARG A 112 13.58 -2.96 0.18
N LEU A 113 13.59 -2.89 -1.16
CA LEU A 113 14.07 -1.72 -1.90
C LEU A 113 13.24 -0.47 -1.51
N VAL A 114 11.94 -0.65 -1.21
CA VAL A 114 11.05 0.42 -0.80
C VAL A 114 11.53 0.98 0.54
N SER A 115 11.77 0.10 1.53
CA SER A 115 12.22 0.51 2.86
C SER A 115 13.64 1.05 2.90
N VAL A 116 14.57 0.40 2.17
CA VAL A 116 15.96 0.82 2.10
C VAL A 116 16.10 2.19 1.40
N ILE A 117 15.33 2.44 0.33
CA ILE A 117 15.38 3.74 -0.34
C ILE A 117 14.41 4.75 0.28
N PRO A 118 14.94 5.79 0.95
CA PRO A 118 14.08 6.77 1.65
C PRO A 118 13.02 7.47 0.78
N THR A 119 13.32 7.81 -0.48
CA THR A 119 12.36 8.49 -1.34
C THR A 119 11.11 7.63 -1.54
N MET A 120 11.31 6.32 -1.73
CA MET A 120 10.21 5.39 -1.90
C MET A 120 9.55 5.06 -0.57
N ARG A 121 10.35 4.99 0.50
CA ARG A 121 9.82 4.74 1.83
C ARG A 121 8.85 5.87 2.25
N ARG A 122 9.11 7.11 1.79
CA ARG A 122 8.23 8.24 2.07
C ARG A 122 6.96 8.21 1.23
N VAL A 123 7.10 7.78 -0.03
CA VAL A 123 5.99 7.65 -0.98
C VAL A 123 5.01 6.58 -0.50
N VAL A 124 5.52 5.41 -0.11
CA VAL A 124 4.66 4.33 0.35
C VAL A 124 4.01 4.71 1.66
N GLN A 125 4.79 5.27 2.58
CA GLN A 125 4.37 5.77 3.88
C GLN A 125 3.12 6.69 3.75
N GLY A 126 3.14 7.58 2.76
CA GLY A 126 2.04 8.50 2.49
C GLY A 126 0.76 7.76 2.12
N MET A 127 0.89 6.70 1.31
CA MET A 127 -0.25 5.89 0.92
C MET A 127 -0.78 5.05 2.08
N LEU A 128 0.10 4.59 2.96
CA LEU A 128 -0.35 3.81 4.12
C LEU A 128 -1.13 4.69 5.06
N LEU A 129 -0.68 5.92 5.30
CA LEU A 129 -1.39 6.84 6.18
C LEU A 129 -2.72 7.35 5.60
N ALA A 130 -2.89 7.26 4.27
CA ALA A 130 -4.11 7.69 3.59
C ALA A 130 -5.26 6.69 3.82
N LEU A 131 -4.93 5.38 3.91
CA LEU A 131 -5.89 4.29 4.06
C LEU A 131 -6.92 4.49 5.19
N PRO A 132 -6.54 4.77 6.44
CA PRO A 132 -7.56 4.97 7.48
C PRO A 132 -8.67 5.97 7.11
N GLY A 133 -8.28 7.08 6.48
CA GLY A 133 -9.23 8.12 6.06
C GLY A 133 -9.84 7.84 4.70
N VAL A 134 -9.85 6.58 4.28
CA VAL A 134 -10.65 6.10 3.11
C VAL A 134 -11.18 4.74 3.58
N GLY A 135 -11.52 4.64 4.88
CA GLY A 135 -12.03 3.38 5.45
C GLY A 135 -13.54 3.28 5.29
N SER A 136 -14.25 4.40 5.45
CA SER A 136 -15.70 4.42 5.33
C SER A 136 -16.19 4.15 3.91
N VAL A 137 -15.48 4.69 2.90
CA VAL A 137 -15.78 4.50 1.48
C VAL A 137 -15.54 3.05 1.08
N ALA A 138 -14.39 2.48 1.51
CA ALA A 138 -14.07 1.09 1.23
C ALA A 138 -15.11 0.15 1.86
N ALA A 139 -15.64 0.52 3.02
CA ALA A 139 -16.68 -0.24 3.68
C ALA A 139 -17.98 -0.15 2.88
N LEU A 140 -18.35 1.06 2.42
CA LEU A 140 -19.55 1.28 1.59
C LEU A 140 -19.48 0.42 0.34
N LEU A 141 -18.29 0.36 -0.28
CA LEU A 141 -18.05 -0.44 -1.48
C LEU A 141 -18.21 -1.95 -1.18
N THR A 142 -17.73 -2.38 -0.02
CA THR A 142 -17.84 -3.77 0.39
C THR A 142 -19.31 -4.17 0.62
N VAL A 143 -20.13 -3.23 1.11
CA VAL A 143 -21.54 -3.49 1.33
C VAL A 143 -22.20 -3.56 -0.04
N VAL A 144 -21.95 -2.57 -0.91
CA VAL A 144 -22.52 -2.59 -2.26
C VAL A 144 -22.32 -3.85 -3.13
N PHE A 145 -21.14 -4.44 -3.01
CA PHE A 145 -20.81 -5.68 -3.72
C PHE A 145 -21.58 -6.83 -3.09
N TYR A 146 -21.46 -6.97 -1.78
CA TYR A 146 -22.05 -8.07 -1.01
C TYR A 146 -23.55 -8.13 -1.34
N ILE A 147 -24.28 -7.00 -1.33
CA ILE A 147 -25.70 -6.98 -1.68
C ILE A 147 -25.87 -7.39 -3.16
N ALA A 148 -24.98 -6.86 -4.05
CA ALA A 148 -25.04 -7.20 -5.46
C ALA A 148 -24.72 -8.67 -5.71
N ALA A 149 -23.81 -9.26 -4.88
CA ALA A 149 -23.41 -10.66 -5.01
C ALA A 149 -24.54 -11.60 -4.62
N VAL A 150 -25.30 -11.24 -3.59
CA VAL A 150 -26.44 -12.03 -3.17
C VAL A 150 -27.54 -11.90 -4.22
N MET A 151 -27.88 -10.66 -4.63
CA MET A 151 -28.89 -10.44 -5.66
C MET A 151 -28.60 -11.20 -6.97
N ALA A 152 -27.35 -11.12 -7.50
CA ALA A 152 -26.98 -11.78 -8.73
C ALA A 152 -27.05 -13.30 -8.64
N THR A 153 -26.64 -13.87 -7.49
CA THR A 153 -26.70 -15.32 -7.32
C THR A 153 -28.14 -15.79 -7.29
N ASN A 154 -29.01 -15.03 -6.64
CA ASN A 154 -30.43 -15.41 -6.56
C ASN A 154 -31.16 -15.22 -7.89
N LEU A 155 -30.86 -14.14 -8.59
CA LEU A 155 -31.52 -13.85 -9.86
C LEU A 155 -31.03 -14.74 -11.00
N TYR A 156 -29.68 -14.87 -11.16
CA TYR A 156 -29.06 -15.48 -12.34
C TYR A 156 -28.24 -16.78 -12.14
N GLY A 157 -27.91 -17.15 -10.91
CA GLY A 157 -27.10 -18.35 -10.67
C GLY A 157 -27.67 -19.67 -11.15
N ALA A 158 -28.97 -19.74 -11.38
CA ALA A 158 -29.63 -20.97 -11.81
C ALA A 158 -29.56 -21.17 -13.33
N THR A 159 -29.61 -20.06 -14.07
CA THR A 159 -29.60 -20.01 -15.52
C THR A 159 -28.21 -19.84 -16.06
N PHE A 160 -27.31 -19.12 -15.32
CA PHE A 160 -25.91 -18.82 -15.70
C PHE A 160 -24.97 -19.24 -14.57
N PRO A 161 -24.91 -20.54 -14.23
CA PRO A 161 -24.08 -20.97 -13.10
C PRO A 161 -22.58 -20.74 -13.22
N GLU A 162 -22.05 -20.63 -14.43
CA GLU A 162 -20.61 -20.36 -14.60
C GLU A 162 -20.19 -19.06 -14.02
N TRP A 163 -21.07 -18.05 -14.06
CA TRP A 163 -20.77 -16.71 -13.62
C TRP A 163 -21.41 -16.31 -12.32
N PHE A 164 -22.58 -16.91 -12.03
CA PHE A 164 -23.33 -16.60 -10.79
C PHE A 164 -23.75 -17.92 -10.12
N GLY A 165 -22.97 -18.98 -10.34
CA GLY A 165 -23.26 -20.30 -9.74
C GLY A 165 -23.45 -20.22 -8.24
N ASP A 166 -22.55 -19.52 -7.55
CA ASP A 166 -22.62 -19.36 -6.07
C ASP A 166 -22.30 -17.90 -5.71
N LEU A 167 -22.04 -17.64 -4.42
CA LEU A 167 -21.72 -16.31 -3.95
C LEU A 167 -20.29 -15.92 -4.29
N SER A 168 -19.34 -16.85 -4.20
CA SER A 168 -17.94 -16.55 -4.56
C SER A 168 -17.87 -16.18 -6.05
N LYS A 169 -18.44 -17.04 -6.92
CA LYS A 169 -18.51 -16.84 -8.36
C LYS A 169 -19.09 -15.47 -8.72
N SER A 170 -20.14 -15.05 -7.99
CA SER A 170 -20.80 -13.77 -8.21
C SER A 170 -19.92 -12.60 -7.85
N LEU A 171 -19.15 -12.72 -6.75
CA LEU A 171 -18.24 -11.64 -6.37
C LEU A 171 -17.21 -11.42 -7.45
N TYR A 172 -16.71 -12.50 -8.05
CA TYR A 172 -15.75 -12.41 -9.12
C TYR A 172 -16.32 -11.74 -10.37
N THR A 173 -17.49 -12.21 -10.86
CA THR A 173 -18.12 -11.65 -12.06
C THR A 173 -18.43 -10.17 -11.88
N LEU A 174 -18.88 -9.79 -10.69
CA LEU A 174 -19.19 -8.41 -10.39
C LEU A 174 -17.92 -7.56 -10.36
N PHE A 175 -16.80 -8.09 -9.85
CA PHE A 175 -15.52 -7.35 -9.88
C PHE A 175 -15.14 -7.05 -11.34
N GLN A 176 -15.36 -8.03 -12.25
CA GLN A 176 -15.14 -7.96 -13.70
C GLN A 176 -16.06 -6.90 -14.32
N VAL A 177 -17.37 -6.96 -14.03
CA VAL A 177 -18.37 -6.00 -14.52
C VAL A 177 -17.98 -4.58 -14.02
N MET A 178 -17.44 -4.47 -12.79
CA MET A 178 -17.02 -3.20 -12.23
C MET A 178 -15.80 -2.65 -12.94
N THR A 179 -14.89 -3.54 -13.39
CA THR A 179 -13.75 -3.08 -14.19
C THR A 179 -14.13 -2.94 -15.67
N LEU A 180 -15.45 -2.93 -15.98
CA LEU A 180 -16.01 -2.82 -17.33
C LEU A 180 -15.45 -3.85 -18.30
N GLU A 181 -14.82 -4.93 -17.80
CA GLU A 181 -14.21 -5.94 -18.63
C GLU A 181 -15.26 -6.85 -19.21
N SER A 182 -15.48 -6.76 -20.54
CA SER A 182 -16.47 -7.54 -21.29
C SER A 182 -17.85 -7.55 -20.71
N TRP A 183 -18.17 -6.65 -19.78
CA TRP A 183 -19.43 -6.61 -19.07
C TRP A 183 -20.66 -6.78 -19.95
N SER A 184 -20.68 -6.23 -21.17
CA SER A 184 -21.87 -6.29 -22.01
C SER A 184 -21.81 -7.40 -23.01
N MET A 185 -20.91 -7.36 -24.02
CA MET A 185 -20.80 -8.44 -25.02
C MET A 185 -20.61 -9.81 -24.37
N GLY A 186 -19.86 -9.84 -23.28
CA GLY A 186 -19.52 -11.06 -22.55
C GLY A 186 -20.46 -11.50 -21.43
N ILE A 187 -21.03 -10.58 -20.63
CA ILE A 187 -21.89 -10.99 -19.51
C ILE A 187 -23.37 -10.56 -19.64
N VAL A 188 -23.66 -9.25 -19.66
CA VAL A 188 -25.00 -8.76 -19.66
C VAL A 188 -25.72 -9.15 -20.91
N ARG A 189 -25.18 -8.95 -22.14
CA ARG A 189 -25.91 -9.34 -23.37
C ARG A 189 -26.35 -10.82 -23.35
N PRO A 190 -25.45 -11.78 -23.01
CA PRO A 190 -25.89 -13.19 -22.87
C PRO A 190 -27.00 -13.39 -21.83
N VAL A 191 -26.85 -12.77 -20.64
CA VAL A 191 -27.81 -12.83 -19.54
C VAL A 191 -29.16 -12.26 -19.97
N MET A 192 -29.15 -11.20 -20.77
CA MET A 192 -30.35 -10.55 -21.24
C MET A 192 -31.21 -11.39 -22.17
N ASN A 193 -30.64 -12.37 -22.89
CA ASN A 193 -31.44 -13.25 -23.76
C ASN A 193 -32.46 -14.02 -22.92
N VAL A 194 -32.02 -14.52 -21.76
CA VAL A 194 -32.82 -15.28 -20.83
C VAL A 194 -33.68 -14.35 -19.95
N HIS A 195 -33.07 -13.28 -19.40
CA HIS A 195 -33.70 -12.29 -18.50
C HIS A 195 -33.69 -10.94 -19.19
N PRO A 196 -34.76 -10.57 -19.91
CA PRO A 196 -34.75 -9.34 -20.71
C PRO A 196 -34.52 -7.99 -20.01
N ASN A 197 -34.63 -7.93 -18.67
CA ASN A 197 -34.45 -6.65 -17.98
C ASN A 197 -33.26 -6.64 -17.02
N ALA A 198 -32.29 -7.55 -17.23
CA ALA A 198 -31.09 -7.64 -16.40
C ALA A 198 -30.28 -6.33 -16.40
N TRP A 199 -30.45 -5.48 -17.42
CA TRP A 199 -29.78 -4.19 -17.48
C TRP A 199 -30.23 -3.30 -16.33
N VAL A 200 -31.47 -3.49 -15.81
CA VAL A 200 -31.98 -2.73 -14.64
C VAL A 200 -31.08 -2.96 -13.44
N PHE A 201 -30.58 -4.20 -13.27
CA PHE A 201 -29.66 -4.55 -12.21
C PHE A 201 -28.22 -4.09 -12.52
N PHE A 202 -27.70 -4.41 -13.72
CA PHE A 202 -26.29 -4.13 -14.03
C PHE A 202 -25.89 -2.69 -14.32
N ILE A 203 -26.68 -1.88 -15.06
CA ILE A 203 -26.27 -0.49 -15.33
C ILE A 203 -26.12 0.31 -14.03
N PRO A 204 -27.09 0.25 -13.06
CA PRO A 204 -26.91 0.93 -11.78
C PRO A 204 -25.72 0.37 -10.99
N PHE A 205 -25.46 -0.96 -11.02
CA PHE A 205 -24.29 -1.53 -10.36
C PHE A 205 -23.01 -0.90 -10.91
N ILE A 206 -22.96 -0.70 -12.23
CA ILE A 206 -21.78 -0.13 -12.86
C ILE A 206 -21.66 1.32 -12.45
N MET A 207 -22.76 2.09 -12.56
CA MET A 207 -22.78 3.51 -12.19
C MET A 207 -22.32 3.71 -10.73
N LEU A 208 -22.91 2.96 -9.81
CA LEU A 208 -22.61 3.08 -8.40
C LEU A 208 -21.20 2.65 -8.02
N THR A 209 -20.74 1.47 -8.47
CA THR A 209 -19.39 1.00 -8.13
C THR A 209 -18.25 1.81 -8.75
N THR A 210 -18.47 2.42 -9.90
CA THR A 210 -17.39 3.21 -10.51
C THR A 210 -17.32 4.56 -9.79
N LEU A 211 -18.44 5.10 -9.34
CA LEU A 211 -18.40 6.39 -8.61
C LEU A 211 -17.71 6.16 -7.28
N THR A 212 -17.98 5.03 -6.64
CA THR A 212 -17.36 4.76 -5.32
C THR A 212 -15.89 4.40 -5.50
N VAL A 213 -15.54 3.47 -6.40
CA VAL A 213 -14.12 3.14 -6.58
C VAL A 213 -13.31 4.39 -6.91
N LEU A 214 -13.87 5.30 -7.70
CA LEU A 214 -13.18 6.52 -8.05
C LEU A 214 -13.03 7.40 -6.84
N ASN A 215 -14.08 7.52 -6.03
CA ASN A 215 -14.03 8.30 -4.80
C ASN A 215 -13.03 7.69 -3.81
N LEU A 216 -12.91 6.35 -3.78
CA LEU A 216 -11.96 5.64 -2.95
C LEU A 216 -10.52 5.96 -3.41
N PHE A 217 -10.25 5.88 -4.71
CA PHE A 217 -8.93 6.18 -5.31
C PHE A 217 -8.52 7.67 -5.22
N ILE A 218 -9.42 8.60 -5.57
CA ILE A 218 -9.13 10.03 -5.49
C ILE A 218 -8.87 10.42 -4.02
N GLY A 219 -9.65 9.85 -3.09
CA GLY A 219 -9.45 10.06 -1.66
C GLY A 219 -8.07 9.65 -1.19
N ILE A 220 -7.58 8.51 -1.68
CA ILE A 220 -6.25 8.04 -1.33
C ILE A 220 -5.18 8.94 -1.96
N ILE A 221 -5.21 9.12 -3.29
CA ILE A 221 -4.23 9.92 -4.01
C ILE A 221 -4.11 11.35 -3.50
N VAL A 222 -5.23 11.99 -3.19
CA VAL A 222 -5.21 13.37 -2.69
C VAL A 222 -4.61 13.47 -1.27
N ASP A 223 -5.12 12.71 -0.29
CA ASP A 223 -4.59 12.73 1.08
C ASP A 223 -3.13 12.32 1.12
N ALA A 224 -2.73 11.30 0.37
CA ALA A 224 -1.35 10.85 0.35
C ALA A 224 -0.43 11.93 -0.18
N MET A 225 -0.86 12.67 -1.19
CA MET A 225 -0.05 13.73 -1.77
C MET A 225 0.13 14.88 -0.78
N ALA A 226 -0.91 15.19 0.01
CA ALA A 226 -0.84 16.23 1.04
C ALA A 226 0.02 15.75 2.23
N ILE A 227 -0.22 14.54 2.77
CA ILE A 227 0.52 13.96 3.88
C ILE A 227 2.02 13.95 3.58
N THR A 228 2.38 13.55 2.36
CA THR A 228 3.79 13.51 1.95
C THR A 228 4.43 14.91 2.03
N LYS A 229 3.78 15.95 1.45
CA LYS A 229 4.32 17.32 1.48
C LYS A 229 4.37 17.87 2.89
N GLU A 230 3.38 17.54 3.72
CA GLU A 230 3.36 18.01 5.10
C GLU A 230 4.43 17.34 5.95
N GLN A 231 4.75 16.07 5.66
CA GLN A 231 5.82 15.37 6.36
C GLN A 231 7.18 15.94 5.97
N GLU A 232 7.34 16.36 4.70
CA GLU A 232 8.57 16.97 4.20
C GLU A 232 8.83 18.31 4.85
N GLU A 233 7.77 19.06 5.23
CA GLU A 233 7.95 20.34 5.89
C GLU A 233 8.38 20.14 7.34
N GLU A 234 7.80 19.14 8.03
CA GLU A 234 8.19 18.81 9.40
C GLU A 234 9.61 18.25 9.42
N ALA A 235 10.00 17.49 8.39
CA ALA A 235 11.35 16.93 8.30
C ALA A 235 12.43 18.00 8.01
N LYS A 236 12.04 19.09 7.36
CA LYS A 236 12.94 20.17 6.99
C LYS A 236 13.05 21.19 8.13
N THR A 237 11.93 21.63 8.68
CA THR A 237 11.90 22.65 9.73
C THR A 237 11.88 22.14 11.16
N GLY A 238 11.46 20.89 11.34
CA GLY A 238 11.32 20.33 12.68
C GLY A 238 10.07 20.76 13.42
N HIS A 239 9.31 21.72 12.87
CA HIS A 239 8.08 22.23 13.46
C HIS A 239 6.86 21.48 12.96
N HIS A 240 5.83 21.33 13.82
CA HIS A 240 4.61 20.65 13.40
C HIS A 240 3.87 21.46 12.32
N GLN A 241 3.43 20.75 11.28
CA GLN A 241 2.73 21.30 10.13
C GLN A 241 1.22 21.09 10.26
N GLU A 242 0.46 22.22 10.31
CA GLU A 242 -0.99 22.23 10.36
C GLU A 242 -1.51 21.70 9.01
N PRO A 243 -2.31 20.62 9.02
CA PRO A 243 -2.83 20.07 7.76
C PRO A 243 -3.58 21.12 6.93
N ILE A 244 -3.36 21.12 5.60
CA ILE A 244 -3.96 22.10 4.68
C ILE A 244 -5.48 22.24 4.85
N SER A 245 -6.20 21.14 5.12
CA SER A 245 -7.65 21.22 5.30
C SER A 245 -7.99 22.10 6.52
N GLN A 246 -7.22 21.98 7.60
CA GLN A 246 -7.39 22.77 8.82
C GLN A 246 -7.10 24.26 8.53
N THR A 247 -6.07 24.54 7.73
CA THR A 247 -5.70 25.89 7.33
C THR A 247 -6.84 26.50 6.54
N LEU A 248 -7.40 25.75 5.58
CA LEU A 248 -8.49 26.19 4.72
C LEU A 248 -9.80 26.43 5.46
N LEU A 249 -10.19 25.52 6.37
CA LEU A 249 -11.42 25.65 7.17
C LEU A 249 -11.43 26.85 8.12
N HIS A 250 -10.25 27.32 8.51
CA HIS A 250 -10.12 28.45 9.41
C HIS A 250 -9.70 29.73 8.72
N LEU A 251 -9.25 29.67 7.46
CA LEU A 251 -8.83 30.83 6.67
C LEU A 251 -9.84 31.99 6.71
N GLY A 252 -11.12 31.68 6.62
CA GLY A 252 -12.18 32.69 6.69
C GLY A 252 -12.20 33.38 8.04
N ASP A 253 -12.21 32.57 9.14
CA ASP A 253 -12.21 33.03 10.54
C ASP A 253 -11.00 33.93 10.83
N ARG A 254 -9.81 33.53 10.38
CA ARG A 254 -8.60 34.30 10.60
C ARG A 254 -8.55 35.60 9.83
N LEU A 255 -9.23 35.67 8.67
CA LEU A 255 -9.26 36.90 7.89
C LEU A 255 -10.22 37.90 8.48
N ASP A 256 -11.39 37.43 8.96
CA ASP A 256 -12.36 38.35 9.57
C ASP A 256 -11.96 38.75 11.02
N ARG A 257 -11.02 38.02 11.65
CA ARG A 257 -10.51 38.37 12.97
C ARG A 257 -9.56 39.56 12.80
N ILE A 258 -8.65 39.48 11.81
CA ILE A 258 -7.70 40.55 11.50
C ILE A 258 -8.37 41.75 10.80
N GLU A 259 -9.57 41.58 10.26
CA GLU A 259 -10.32 42.68 9.65
C GLU A 259 -10.84 43.56 10.81
N LYS A 260 -11.44 42.92 11.83
CA LYS A 260 -11.99 43.53 13.03
C LYS A 260 -10.88 44.12 13.89
N GLN A 261 -9.75 43.42 14.00
CA GLN A 261 -8.61 43.91 14.77
C GLN A 261 -8.05 45.19 14.16
N LEU A 262 -8.05 45.28 12.81
CA LEU A 262 -7.56 46.47 12.12
C LEU A 262 -8.51 47.64 12.27
N ALA A 263 -9.82 47.38 12.15
CA ALA A 263 -10.84 48.40 12.28
C ALA A 263 -10.94 48.92 13.71
N GLN A 264 -10.72 48.06 14.72
CA GLN A 264 -10.75 48.51 16.12
C GLN A 264 -9.48 49.29 16.50
N ASN A 265 -8.36 49.05 15.79
CA ASN A 265 -7.15 49.82 16.00
C ASN A 265 -7.33 51.21 15.36
N ASN A 266 -8.06 51.28 14.22
CA ASN A 266 -8.43 52.51 13.52
C ASN A 266 -9.41 53.35 14.37
N GLU A 267 -10.26 52.68 15.16
CA GLU A 267 -11.24 53.28 16.08
C GLU A 267 -10.51 54.07 17.16
N LEU A 268 -9.47 53.47 17.77
CA LEU A 268 -8.65 54.10 18.81
C LEU A 268 -7.74 55.18 18.22
N LEU A 269 -7.31 55.01 16.96
CA LEU A 269 -6.43 55.94 16.28
C LEU A 269 -7.12 57.24 15.86
N GLN A 270 -8.32 57.13 15.24
CA GLN A 270 -9.08 58.30 14.77
C GLN A 270 -9.48 59.23 15.93
N ARG A 271 -9.87 58.64 17.05
CA ARG A 271 -10.21 59.41 18.24
C ARG A 271 -9.02 59.37 19.19
N GLN A 272 -8.26 60.46 19.25
CA GLN A 272 -7.08 60.55 20.11
C GLN A 272 -6.94 61.95 20.71
#